data_9CGO
#
_entry.id   9CGO
#
_cell.length_a   56.880
_cell.length_b   56.880
_cell.length_c   292.470
_cell.angle_alpha   90.000
_cell.angle_beta   90.000
_cell.angle_gamma   120.000
#
_symmetry.space_group_name_H-M   'P 65'
#
loop_
_entity.id
_entity.type
_entity.pdbx_description
1 polymer 'Tylactone synthase module 7'
2 water water
#
_entity_poly.entity_id   1
_entity_poly.type   'polypeptide(L)'
_entity_poly.pdbx_seq_one_letter_code
;TGAAPADAGSGLPALYREAVRTGRAAE(MSE)AELLAAASRFRPAFGTADRQPVALVPLADGAEDTGLPLLVGCAGTAVA
SGPVEFTAFAGALADLPAAAP(MSE)AALPQPGFLPGERVPATPEALFEAQAEALLRYAAGRPFVLLGHSAGAN(MSE)A
HALTRHLEANGGGPAGLVL(MSE)DIYTPADPGA(MSE)GVWRND(MSE)FQWVWRRSDIPPDDHRLTA(MSE)GAYHRL
LLDWSPTPVRAPVLHLRAAEP(MSE)GDWPPGDTGWQSHWDGAHTTAGIPGNHFT(MSE)(MSE)TEHASAAARLVHGWL
A
;
_entity_poly.pdbx_strand_id   A,B
#
# COMPACT_ATOMS: atom_id res chain seq x y z
N SER A 10 2.77 -9.02 -8.85
CA SER A 10 1.64 -9.37 -8.00
C SER A 10 0.83 -8.12 -7.70
N GLY A 11 1.42 -7.19 -6.96
CA GLY A 11 0.83 -5.88 -6.75
C GLY A 11 -0.29 -5.83 -5.72
N LEU A 12 -0.83 -4.63 -5.55
CA LEU A 12 -1.99 -4.43 -4.67
C LEU A 12 -3.21 -5.28 -5.02
N PRO A 13 -3.49 -5.64 -6.29
CA PRO A 13 -4.52 -6.66 -6.53
C PRO A 13 -4.26 -7.97 -5.80
N ALA A 14 -3.02 -8.46 -5.85
CA ALA A 14 -2.71 -9.75 -5.25
C ALA A 14 -2.63 -9.68 -3.72
N LEU A 15 -2.25 -8.52 -3.16
CA LEU A 15 -2.29 -8.37 -1.72
C LEU A 15 -3.73 -8.29 -1.23
N TYR A 16 -4.57 -7.56 -1.96
CA TYR A 16 -6.00 -7.46 -1.64
C TYR A 16 -6.65 -8.83 -1.53
N ARG A 17 -6.38 -9.72 -2.50
CA ARG A 17 -7.02 -11.03 -2.44
C ARG A 17 -6.48 -11.86 -1.28
N GLU A 18 -5.19 -11.74 -0.96
CA GLU A 18 -4.66 -12.45 0.20
C GLU A 18 -5.31 -11.95 1.50
N ALA A 19 -5.53 -10.64 1.61
CA ALA A 19 -6.22 -10.11 2.78
C ALA A 19 -7.62 -10.69 2.93
N VAL A 20 -8.37 -10.73 1.82
CA VAL A 20 -9.72 -11.27 1.80
C VAL A 20 -9.70 -12.78 2.04
N ARG A 21 -8.76 -13.49 1.40
CA ARG A 21 -8.62 -14.92 1.67
C ARG A 21 -8.33 -15.23 3.13
N THR A 22 -7.79 -14.27 3.89
CA THR A 22 -7.40 -14.53 5.27
C THR A 22 -8.23 -13.75 6.28
N GLY A 23 -9.29 -13.09 5.85
CA GLY A 23 -10.22 -12.46 6.79
C GLY A 23 -9.81 -11.09 7.27
N ARG A 24 -8.90 -10.42 6.56
CA ARG A 24 -8.27 -9.21 7.06
C ARG A 24 -8.66 -7.98 6.23
N ALA A 25 -9.86 -7.99 5.67
CA ALA A 25 -10.32 -6.86 4.87
C ALA A 25 -10.25 -5.55 5.67
N ALA A 26 -10.21 -5.64 7.00
CA ALA A 26 -10.07 -4.43 7.82
C ALA A 26 -8.70 -3.78 7.61
N GLU A 27 -7.63 -4.56 7.70
CA GLU A 27 -6.29 -4.01 7.48
C GLU A 27 -6.10 -3.57 6.03
N MSE A 28 -6.76 -4.25 5.09
CA MSE A 28 -6.60 -3.92 3.67
C MSE A 28 -7.20 -2.55 3.37
O MSE A 28 -6.59 -1.76 2.66
CB MSE A 28 -7.25 -5.03 2.83
CG MSE A 28 -7.12 -4.90 1.32
SE MSE A 28 -5.32 -4.36 0.70
CE MSE A 28 -4.33 -5.89 1.31
N ALA A 29 -8.37 -2.24 3.96
CA ALA A 29 -8.93 -0.90 3.83
C ALA A 29 -8.01 0.15 4.44
N GLU A 30 -7.42 -0.16 5.61
CA GLU A 30 -6.43 0.74 6.17
C GLU A 30 -5.23 0.93 5.23
N LEU A 31 -4.72 -0.16 4.66
CA LEU A 31 -3.55 -0.03 3.77
C LEU A 31 -3.87 0.84 2.57
N LEU A 32 -5.00 0.59 1.93
CA LEU A 32 -5.35 1.35 0.73
C LEU A 32 -5.60 2.80 1.04
N ALA A 33 -6.17 3.09 2.23
CA ALA A 33 -6.28 4.47 2.67
C ALA A 33 -4.91 5.13 2.70
N ALA A 34 -3.94 4.45 3.31
CA ALA A 34 -2.56 4.96 3.38
C ALA A 34 -1.93 5.06 2.00
N ALA A 35 -2.08 3.99 1.21
CA ALA A 35 -1.47 3.96 -0.12
C ALA A 35 -2.00 5.09 -0.99
N SER A 36 -3.29 5.43 -0.81
CA SER A 36 -3.94 6.47 -1.60
C SER A 36 -3.40 7.86 -1.28
N ARG A 37 -2.84 8.08 -0.08
CA ARG A 37 -2.30 9.40 0.22
C ARG A 37 -1.13 9.76 -0.68
N PHE A 38 -0.71 8.86 -1.56
CA PHE A 38 0.28 9.18 -2.57
C PHE A 38 -0.33 9.39 -3.96
N ARG A 39 -1.66 9.26 -4.10
CA ARG A 39 -2.32 9.52 -5.38
C ARG A 39 -2.32 11.02 -5.71
N PRO A 40 -2.04 11.39 -6.95
CA PRO A 40 -2.21 12.79 -7.34
C PRO A 40 -3.67 13.17 -7.20
N ALA A 41 -3.91 14.36 -6.69
CA ALA A 41 -5.23 14.81 -6.28
C ALA A 41 -5.56 16.13 -6.97
N PHE A 42 -6.84 16.42 -7.12
CA PHE A 42 -7.25 17.71 -7.65
C PHE A 42 -7.90 18.52 -6.54
N GLY A 43 -7.55 19.82 -6.50
CA GLY A 43 -8.15 20.73 -5.57
C GLY A 43 -9.28 21.49 -6.22
N THR A 44 -9.78 22.50 -5.50
CA THR A 44 -10.81 23.36 -6.08
C THR A 44 -10.21 24.25 -7.17
N ALA A 45 -8.92 24.59 -7.06
CA ALA A 45 -8.30 25.44 -8.05
C ALA A 45 -8.11 24.71 -9.38
N ASP A 46 -7.62 23.47 -9.34
CA ASP A 46 -7.30 22.72 -10.56
C ASP A 46 -8.31 21.60 -10.78
N ARG A 47 -9.56 21.99 -10.94
CA ARG A 47 -10.65 21.03 -10.84
C ARG A 47 -10.67 20.07 -12.03
N GLN A 48 -10.89 18.79 -11.74
CA GLN A 48 -11.04 17.78 -12.77
C GLN A 48 -12.50 17.73 -13.20
N PRO A 49 -12.81 17.90 -14.49
CA PRO A 49 -14.22 17.95 -14.90
C PRO A 49 -14.94 16.62 -14.68
N VAL A 50 -16.18 16.72 -14.21
CA VAL A 50 -17.06 15.58 -13.97
C VAL A 50 -18.22 15.67 -14.96
N ALA A 51 -18.60 14.52 -15.54
CA ALA A 51 -19.68 14.48 -16.53
C ALA A 51 -20.74 13.48 -16.09
N LEU A 52 -22.01 13.85 -16.24
CA LEU A 52 -23.08 12.91 -15.93
C LEU A 52 -23.26 11.89 -17.06
N VAL A 53 -23.68 10.69 -16.67
CA VAL A 53 -23.94 9.60 -17.62
C VAL A 53 -25.46 9.43 -17.70
N PRO A 54 -26.08 9.74 -18.85
CA PRO A 54 -27.52 9.47 -18.98
C PRO A 54 -27.78 7.97 -18.90
N LEU A 55 -28.83 7.60 -18.16
CA LEU A 55 -29.28 6.23 -18.11
C LEU A 55 -30.66 6.06 -18.75
N ALA A 56 -31.69 6.72 -18.21
CA ALA A 56 -33.06 6.57 -18.68
C ALA A 56 -33.64 7.93 -19.09
N ASP A 57 -34.21 7.99 -20.30
CA ASP A 57 -34.82 9.20 -20.83
C ASP A 57 -36.09 9.57 -20.05
N GLY A 58 -36.52 10.81 -20.21
CA GLY A 58 -37.79 11.22 -19.63
C GLY A 58 -38.95 10.55 -20.33
N ALA A 59 -39.77 9.83 -19.56
CA ALA A 59 -40.96 9.21 -20.12
C ALA A 59 -42.12 10.20 -20.12
N THR A 62 -44.59 16.05 -16.70
CA THR A 62 -44.78 14.73 -16.09
C THR A 62 -45.37 14.77 -14.65
N GLY A 63 -45.00 15.71 -13.79
CA GLY A 63 -43.86 16.61 -13.94
C GLY A 63 -42.84 16.18 -12.89
N LEU A 64 -42.19 15.07 -13.16
CA LEU A 64 -41.33 14.37 -12.21
C LEU A 64 -39.91 14.92 -12.25
N PRO A 65 -39.19 14.90 -11.15
CA PRO A 65 -37.80 15.39 -11.17
C PRO A 65 -36.86 14.32 -11.72
N LEU A 66 -35.73 14.81 -12.23
CA LEU A 66 -34.62 13.96 -12.67
C LEU A 66 -34.00 13.19 -11.50
N LEU A 67 -33.91 11.87 -11.63
CA LEU A 67 -33.20 11.05 -10.66
C LEU A 67 -31.72 10.98 -11.01
N VAL A 68 -30.86 11.26 -10.03
CA VAL A 68 -29.41 11.20 -10.22
C VAL A 68 -28.85 10.24 -9.20
N GLY A 69 -28.47 9.04 -9.64
CA GLY A 69 -27.79 8.11 -8.77
C GLY A 69 -26.35 8.55 -8.60
N CYS A 70 -25.87 8.44 -7.36
CA CYS A 70 -24.49 8.76 -7.04
C CYS A 70 -23.70 7.46 -6.96
N ALA A 71 -22.63 7.38 -7.74
CA ALA A 71 -21.83 6.16 -7.74
C ALA A 71 -21.20 5.94 -6.38
N GLY A 72 -21.08 4.68 -5.99
CA GLY A 72 -20.43 4.31 -4.75
C GLY A 72 -18.92 4.30 -4.87
N THR A 73 -18.26 3.73 -3.87
CA THR A 73 -16.83 3.91 -3.70
C THR A 73 -16.00 2.65 -3.80
N ALA A 74 -16.60 1.49 -4.03
CA ALA A 74 -15.86 0.24 -4.12
C ALA A 74 -15.35 0.04 -5.55
N VAL A 75 -14.70 -1.10 -5.77
CA VAL A 75 -13.97 -1.31 -7.02
C VAL A 75 -14.87 -1.57 -8.23
N ALA A 76 -16.06 -2.11 -8.03
CA ALA A 76 -17.03 -2.31 -9.11
C ALA A 76 -18.25 -1.39 -8.96
N SER A 77 -18.01 -0.15 -8.53
CA SER A 77 -19.03 0.88 -8.46
C SER A 77 -18.98 1.76 -9.71
N GLY A 78 -19.95 2.67 -9.82
CA GLY A 78 -20.01 3.55 -10.96
C GLY A 78 -21.37 3.46 -11.64
N PRO A 79 -21.50 4.09 -12.81
CA PRO A 79 -22.81 4.13 -13.47
C PRO A 79 -23.34 2.77 -13.93
N VAL A 80 -22.50 1.73 -13.98
CA VAL A 80 -22.97 0.39 -14.27
C VAL A 80 -23.75 -0.23 -13.11
N GLU A 81 -23.56 0.25 -11.88
CA GLU A 81 -24.31 -0.33 -10.78
C GLU A 81 -25.78 0.05 -10.85
N PHE A 82 -26.16 0.92 -11.77
CA PHE A 82 -27.55 1.36 -11.93
C PHE A 82 -28.23 0.77 -13.16
N THR A 83 -27.67 -0.30 -13.76
CA THR A 83 -28.28 -0.85 -14.97
C THR A 83 -29.56 -1.64 -14.63
N ALA A 84 -29.49 -2.51 -13.62
CA ALA A 84 -30.69 -3.23 -13.20
C ALA A 84 -31.78 -2.27 -12.74
N PHE A 85 -31.41 -1.26 -11.95
CA PHE A 85 -32.39 -0.30 -11.46
C PHE A 85 -32.97 0.53 -12.61
N ALA A 86 -32.11 1.03 -13.51
CA ALA A 86 -32.58 1.95 -14.54
C ALA A 86 -33.40 1.24 -15.62
N GLY A 87 -33.15 -0.05 -15.84
CA GLY A 87 -33.98 -0.80 -16.76
C GLY A 87 -35.40 -0.95 -16.26
N ALA A 88 -35.55 -1.35 -15.00
CA ALA A 88 -36.89 -1.40 -14.40
C ALA A 88 -37.56 -0.04 -14.48
N LEU A 89 -36.80 1.02 -14.21
CA LEU A 89 -37.40 2.35 -14.10
C LEU A 89 -37.98 2.79 -15.44
N ALA A 90 -37.31 2.44 -16.53
CA ALA A 90 -37.68 2.91 -17.86
C ALA A 90 -38.89 2.19 -18.44
N ASP A 91 -39.36 1.10 -17.83
CA ASP A 91 -40.59 0.49 -18.28
C ASP A 91 -41.71 0.57 -17.25
N LEU A 92 -41.53 1.38 -16.19
CA LEU A 92 -42.69 1.82 -15.45
C LEU A 92 -43.40 2.94 -16.23
N PRO A 93 -44.72 3.03 -16.14
CA PRO A 93 -45.43 4.07 -16.89
C PRO A 93 -45.13 5.45 -16.35
N ALA A 94 -44.94 6.40 -17.28
CA ALA A 94 -44.76 7.82 -16.94
C ALA A 94 -43.51 8.06 -16.11
N ALA A 95 -42.42 7.38 -16.48
CA ALA A 95 -41.20 7.39 -15.68
C ALA A 95 -40.53 8.77 -15.65
N ALA A 96 -39.88 9.06 -14.51
CA ALA A 96 -38.95 10.19 -14.43
C ALA A 96 -37.63 9.82 -15.08
N PRO A 97 -36.93 10.78 -15.70
CA PRO A 97 -35.63 10.47 -16.30
C PRO A 97 -34.59 10.22 -15.23
N MSE A 98 -33.46 9.64 -15.65
CA MSE A 98 -32.36 9.30 -14.72
C MSE A 98 -30.95 9.34 -15.33
O MSE A 98 -30.73 8.88 -16.44
CB MSE A 98 -32.57 7.90 -14.14
CG MSE A 98 -31.57 7.56 -13.01
SE MSE A 98 -31.73 5.75 -12.35
CE MSE A 98 -30.37 5.85 -10.91
N ALA A 99 -30.00 9.88 -14.56
CA ALA A 99 -28.59 9.83 -14.94
C ALA A 99 -27.75 9.47 -13.72
N ALA A 100 -26.56 8.94 -14.00
CA ALA A 100 -25.62 8.56 -12.96
C ALA A 100 -24.49 9.58 -12.86
N LEU A 101 -23.98 9.74 -11.66
CA LEU A 101 -22.92 10.71 -11.38
C LEU A 101 -21.71 9.93 -10.87
N PRO A 102 -20.64 9.81 -11.64
CA PRO A 102 -19.52 8.97 -11.22
C PRO A 102 -18.68 9.68 -10.16
N GLN A 103 -17.80 8.91 -9.53
CA GLN A 103 -16.88 9.44 -8.54
C GLN A 103 -15.51 9.53 -9.19
N PRO A 104 -14.90 10.71 -9.25
CA PRO A 104 -13.63 10.85 -9.97
C PRO A 104 -12.49 10.14 -9.25
N GLY A 105 -11.63 9.50 -10.05
CA GLY A 105 -10.47 8.80 -9.56
C GLY A 105 -10.43 7.32 -9.88
N PHE A 106 -11.52 6.72 -10.40
CA PHE A 106 -11.56 5.28 -10.61
C PHE A 106 -11.14 4.85 -12.02
N LEU A 107 -11.20 5.72 -12.97
CA LEU A 107 -10.84 5.38 -14.34
C LEU A 107 -9.40 5.77 -14.63
N PRO A 108 -8.77 5.17 -15.66
CA PRO A 108 -7.37 5.49 -15.97
C PRO A 108 -7.13 6.96 -16.25
N GLY A 109 -5.98 7.48 -15.81
CA GLY A 109 -5.63 8.87 -16.04
C GLY A 109 -6.40 9.85 -15.18
N GLU A 110 -7.34 9.38 -14.37
CA GLU A 110 -8.10 10.24 -13.47
C GLU A 110 -7.38 10.42 -12.15
N ARG A 111 -7.50 11.62 -11.57
CA ARG A 111 -7.01 11.90 -10.23
C ARG A 111 -8.16 11.86 -9.22
N VAL A 112 -7.78 11.71 -7.96
CA VAL A 112 -8.71 11.67 -6.83
C VAL A 112 -9.01 13.07 -6.35
N PRO A 113 -10.11 13.28 -5.62
CA PRO A 113 -10.36 14.61 -5.07
C PRO A 113 -9.45 14.88 -3.89
N ALA A 114 -8.87 16.08 -3.84
CA ALA A 114 -7.99 16.45 -2.73
C ALA A 114 -8.79 16.64 -1.43
N THR A 115 -9.99 17.18 -1.52
CA THR A 115 -10.84 17.46 -0.36
C THR A 115 -12.28 17.20 -0.71
N PRO A 116 -13.15 16.96 0.30
CA PRO A 116 -14.59 16.95 0.04
C PRO A 116 -15.05 18.16 -0.73
N GLU A 117 -14.50 19.33 -0.42
CA GLU A 117 -14.93 20.56 -1.07
C GLU A 117 -14.66 20.50 -2.57
N ALA A 118 -13.50 19.97 -2.95
CA ALA A 118 -13.12 19.89 -4.36
C ALA A 118 -14.03 18.96 -5.15
N LEU A 119 -14.31 17.77 -4.61
CA LEU A 119 -15.16 16.81 -5.29
C LEU A 119 -16.56 17.37 -5.52
N PHE A 120 -17.14 17.98 -4.48
CA PHE A 120 -18.54 18.36 -4.53
C PHE A 120 -18.77 19.60 -5.34
N GLU A 121 -17.80 20.51 -5.41
CA GLU A 121 -17.93 21.64 -6.32
C GLU A 121 -17.84 21.17 -7.76
N ALA A 122 -17.01 20.17 -8.04
CA ALA A 122 -17.00 19.59 -9.37
C ALA A 122 -18.35 18.95 -9.71
N GLN A 123 -18.83 18.05 -8.84
CA GLN A 123 -20.08 17.35 -9.07
C GLN A 123 -21.25 18.32 -9.16
N ALA A 124 -21.30 19.28 -8.23
CA ALA A 124 -22.43 20.22 -8.20
C ALA A 124 -22.51 21.00 -9.49
N GLU A 125 -21.36 21.44 -9.99
CA GLU A 125 -21.28 22.10 -11.29
C GLU A 125 -21.89 21.23 -12.38
N ALA A 126 -21.35 20.02 -12.56
CA ALA A 126 -21.86 19.09 -13.56
C ALA A 126 -23.36 18.85 -13.39
N LEU A 127 -23.77 18.51 -12.17
CA LEU A 127 -25.16 18.13 -11.95
C LEU A 127 -26.11 19.28 -12.28
N LEU A 128 -25.73 20.51 -11.93
CA LEU A 128 -26.62 21.64 -12.20
C LEU A 128 -26.62 22.00 -13.68
N ARG A 129 -25.48 21.84 -14.37
CA ARG A 129 -25.47 21.97 -15.82
C ARG A 129 -26.46 21.01 -16.46
N TYR A 130 -26.32 19.72 -16.16
CA TYR A 130 -27.10 18.70 -16.84
C TYR A 130 -28.60 18.85 -16.55
N ALA A 131 -28.96 19.42 -15.40
CA ALA A 131 -30.38 19.51 -15.02
C ALA A 131 -31.11 20.56 -15.85
N ALA A 132 -30.43 21.66 -16.20
CA ALA A 132 -31.01 22.73 -17.01
C ALA A 132 -32.30 23.27 -16.41
N GLY A 133 -32.30 23.48 -15.10
CA GLY A 133 -33.46 24.00 -14.40
C GLY A 133 -34.33 22.95 -13.73
N ARG A 134 -34.33 21.71 -14.23
CA ARG A 134 -35.20 20.68 -13.65
C ARG A 134 -34.83 20.41 -12.20
N PRO A 135 -35.81 20.23 -11.33
CA PRO A 135 -35.53 19.68 -9.99
C PRO A 135 -35.02 18.23 -10.09
N PHE A 136 -34.27 17.82 -9.06
CA PHE A 136 -33.60 16.53 -9.10
C PHE A 136 -33.64 15.83 -7.74
N VAL A 137 -33.48 14.50 -7.78
CA VAL A 137 -33.42 13.69 -6.57
C VAL A 137 -32.12 12.91 -6.59
N LEU A 138 -31.34 13.04 -5.51
CA LEU A 138 -30.09 12.30 -5.39
C LEU A 138 -30.35 10.95 -4.75
N LEU A 139 -29.67 9.92 -5.26
CA LEU A 139 -29.93 8.53 -4.92
C LEU A 139 -28.60 7.82 -4.74
N GLY A 140 -28.45 7.08 -3.65
CA GLY A 140 -27.21 6.34 -3.41
C GLY A 140 -27.47 5.01 -2.72
N HIS A 141 -26.59 4.06 -3.02
CA HIS A 141 -26.66 2.72 -2.47
C HIS A 141 -25.34 2.45 -1.75
N SER A 142 -25.39 1.87 -0.57
CA SER A 142 -24.15 1.53 0.15
C SER A 142 -23.35 2.83 0.31
N ALA A 143 -22.02 2.81 0.14
CA ALA A 143 -21.22 4.03 0.26
C ALA A 143 -21.72 5.14 -0.67
N GLY A 144 -22.38 4.80 -1.77
CA GLY A 144 -22.96 5.82 -2.61
C GLY A 144 -24.03 6.61 -1.89
N ALA A 145 -24.71 5.98 -0.93
CA ALA A 145 -25.66 6.69 -0.08
C ALA A 145 -24.96 7.78 0.71
N ASN A 146 -23.82 7.45 1.32
CA ASN A 146 -23.05 8.47 2.02
C ASN A 146 -22.65 9.59 1.09
N MSE A 147 -22.36 9.28 -0.19
CA MSE A 147 -21.92 10.32 -1.11
C MSE A 147 -23.11 11.16 -1.59
O MSE A 147 -23.00 12.36 -1.79
CB MSE A 147 -21.21 9.72 -2.36
CG MSE A 147 -20.05 8.77 -2.10
SE MSE A 147 -18.56 9.56 -1.11
CE MSE A 147 -18.34 11.16 -2.18
N ALA A 148 -24.25 10.50 -1.83
CA ALA A 148 -25.44 11.28 -2.18
C ALA A 148 -25.82 12.19 -1.04
N HIS A 149 -25.74 11.68 0.18
CA HIS A 149 -25.94 12.52 1.37
C HIS A 149 -24.92 13.67 1.45
N ALA A 150 -23.62 13.36 1.37
CA ALA A 150 -22.62 14.41 1.48
C ALA A 150 -22.76 15.49 0.40
N LEU A 151 -23.22 15.14 -0.81
CA LEU A 151 -23.48 16.15 -1.84
C LEU A 151 -24.76 16.93 -1.56
N THR A 152 -25.77 16.30 -0.98
CA THR A 152 -26.96 17.06 -0.59
C THR A 152 -26.61 18.12 0.44
N ARG A 153 -25.88 17.73 1.49
CA ARG A 153 -25.37 18.72 2.44
C ARG A 153 -24.62 19.86 1.74
N HIS A 154 -23.71 19.52 0.82
CA HIS A 154 -22.90 20.54 0.15
C HIS A 154 -23.78 21.52 -0.60
N LEU A 155 -24.71 20.98 -1.39
CA LEU A 155 -25.62 21.83 -2.17
C LEU A 155 -26.49 22.69 -1.26
N GLU A 156 -27.11 22.10 -0.23
CA GLU A 156 -27.98 22.88 0.65
C GLU A 156 -27.21 23.96 1.38
N ALA A 157 -25.95 23.68 1.75
CA ALA A 157 -25.09 24.66 2.41
C ALA A 157 -24.85 25.86 1.53
N ASN A 158 -24.81 25.68 0.21
CA ASN A 158 -24.47 26.72 -0.72
C ASN A 158 -25.68 27.24 -1.49
N GLY A 159 -26.87 27.09 -0.90
CA GLY A 159 -28.06 27.78 -1.41
C GLY A 159 -28.93 27.01 -2.38
N GLY A 160 -28.83 25.68 -2.44
CA GLY A 160 -29.65 24.89 -3.33
C GLY A 160 -30.11 23.57 -2.73
N GLY A 161 -29.93 22.48 -3.47
CA GLY A 161 -30.22 21.18 -2.94
C GLY A 161 -31.29 20.43 -3.73
N PRO A 162 -31.30 19.11 -3.56
CA PRO A 162 -32.31 18.27 -4.21
C PRO A 162 -33.68 18.38 -3.55
N ALA A 163 -34.69 18.07 -4.36
CA ALA A 163 -36.03 17.95 -3.83
C ALA A 163 -36.23 16.65 -3.07
N GLY A 164 -35.27 15.71 -3.17
CA GLY A 164 -35.34 14.50 -2.38
C GLY A 164 -34.00 13.81 -2.30
N LEU A 165 -33.93 12.80 -1.45
CA LEU A 165 -32.71 12.03 -1.27
C LEU A 165 -33.08 10.58 -0.96
N VAL A 166 -32.55 9.63 -1.72
CA VAL A 166 -32.85 8.22 -1.55
C VAL A 166 -31.60 7.53 -0.98
N LEU A 167 -31.64 7.13 0.30
CA LEU A 167 -30.54 6.41 0.95
C LEU A 167 -30.85 4.92 1.00
N MSE A 168 -30.06 4.12 0.29
CA MSE A 168 -30.22 2.68 0.31
C MSE A 168 -29.16 2.02 1.16
O MSE A 168 -27.98 2.10 0.84
CB MSE A 168 -30.18 2.11 -1.09
CG MSE A 168 -31.09 2.83 -2.05
SE MSE A 168 -31.37 1.91 -3.78
CE MSE A 168 -32.31 3.39 -4.58
N ASP A 169 -29.59 1.41 2.26
CA ASP A 169 -28.70 0.62 3.09
C ASP A 169 -27.46 1.41 3.49
N ILE A 170 -27.68 2.66 3.93
CA ILE A 170 -26.60 3.53 4.39
C ILE A 170 -26.16 3.10 5.79
N TYR A 171 -24.84 2.95 5.98
CA TYR A 171 -24.20 2.77 7.28
C TYR A 171 -23.18 3.89 7.52
N THR A 172 -22.74 4.05 8.77
CA THR A 172 -21.78 5.09 9.12
C THR A 172 -20.37 4.51 9.09
N PRO A 173 -19.48 4.93 8.16
CA PRO A 173 -18.20 4.20 7.98
C PRO A 173 -17.33 4.11 9.23
N ALA A 174 -17.18 5.20 9.97
CA ALA A 174 -16.39 5.18 11.20
C ALA A 174 -16.99 4.25 12.26
N ASP A 175 -18.32 4.11 12.28
CA ASP A 175 -19.02 3.24 13.23
C ASP A 175 -20.04 2.41 12.47
N PRO A 176 -19.58 1.39 11.72
CA PRO A 176 -20.44 0.77 10.71
C PRO A 176 -21.34 -0.33 11.23
N GLY A 177 -21.16 -0.76 12.48
CA GLY A 177 -22.00 -1.80 13.05
C GLY A 177 -21.88 -3.08 12.23
N ALA A 178 -23.00 -3.47 11.62
CA ALA A 178 -23.02 -4.70 10.84
C ALA A 178 -22.02 -4.67 9.69
N MSE A 179 -21.80 -3.51 9.07
CA MSE A 179 -20.89 -3.44 7.93
C MSE A 179 -19.43 -3.59 8.40
O MSE A 179 -18.56 -4.01 7.64
CB MSE A 179 -21.09 -2.16 7.15
CG MSE A 179 -22.42 -2.13 6.37
SE MSE A 179 -22.54 -3.54 5.00
CE MSE A 179 -24.38 -4.12 5.28
N GLY A 180 -19.19 -3.28 9.67
CA GLY A 180 -17.95 -3.71 10.30
C GLY A 180 -17.81 -5.21 10.29
N VAL A 181 -18.83 -5.92 10.77
CA VAL A 181 -18.79 -7.38 10.88
C VAL A 181 -18.61 -8.03 9.51
N TRP A 182 -19.26 -7.48 8.48
CA TRP A 182 -19.36 -8.09 7.15
C TRP A 182 -18.39 -7.50 6.15
N ARG A 183 -17.47 -6.66 6.60
CA ARG A 183 -16.54 -5.98 5.69
C ARG A 183 -15.87 -6.96 4.75
N ASN A 184 -15.53 -8.15 5.24
CA ASN A 184 -14.79 -9.12 4.43
C ASN A 184 -15.68 -9.77 3.39
N ASP A 185 -16.96 -10.01 3.70
CA ASP A 185 -17.89 -10.48 2.69
C ASP A 185 -18.10 -9.41 1.63
N MSE A 186 -18.19 -8.16 2.06
CA MSE A 186 -18.22 -7.01 1.18
C MSE A 186 -17.12 -7.04 0.14
O MSE A 186 -17.37 -7.04 -1.07
CB MSE A 186 -18.07 -5.75 1.98
CG MSE A 186 -18.90 -4.66 1.54
SE MSE A 186 -20.17 -4.33 2.95
CE MSE A 186 -21.28 -3.22 1.86
N PHE A 187 -15.88 -7.07 0.65
CA PHE A 187 -14.71 -7.06 -0.21
C PHE A 187 -14.71 -8.25 -1.17
N GLN A 188 -15.11 -9.43 -0.68
CA GLN A 188 -15.13 -10.59 -1.55
C GLN A 188 -16.15 -10.42 -2.68
N TRP A 189 -17.34 -9.92 -2.35
CA TRP A 189 -18.37 -9.77 -3.38
C TRP A 189 -17.99 -8.70 -4.40
N VAL A 190 -17.47 -7.56 -3.94
CA VAL A 190 -17.16 -6.49 -4.89
C VAL A 190 -16.05 -6.89 -5.85
N TRP A 191 -15.24 -7.89 -5.50
CA TRP A 191 -14.22 -8.39 -6.42
C TRP A 191 -14.83 -9.25 -7.52
N ARG A 192 -15.73 -10.17 -7.15
CA ARG A 192 -16.33 -11.05 -8.15
C ARG A 192 -17.23 -10.25 -9.10
N ARG A 193 -17.95 -9.27 -8.56
CA ARG A 193 -18.84 -8.44 -9.37
C ARG A 193 -18.11 -7.79 -10.53
N SER A 194 -16.87 -7.34 -10.30
CA SER A 194 -16.01 -6.65 -11.27
C SER A 194 -16.43 -6.73 -12.74
N PRO A 197 -12.21 -6.62 -13.35
CA PRO A 197 -11.05 -7.18 -12.65
C PRO A 197 -10.26 -6.07 -12.01
N PRO A 198 -10.26 -5.99 -10.67
CA PRO A 198 -9.71 -4.82 -9.99
C PRO A 198 -8.23 -4.64 -10.30
N ASP A 199 -7.86 -3.41 -10.63
CA ASP A 199 -6.46 -3.04 -10.80
C ASP A 199 -6.05 -2.08 -9.69
N ASP A 200 -4.73 -1.87 -9.58
CA ASP A 200 -4.11 -0.96 -8.63
C ASP A 200 -4.82 0.39 -8.55
N HIS A 201 -5.23 0.89 -9.72
CA HIS A 201 -5.82 2.22 -9.83
C HIS A 201 -7.24 2.29 -9.25
N ARG A 202 -7.97 1.18 -9.27
CA ARG A 202 -9.27 1.11 -8.63
C ARG A 202 -9.14 0.85 -7.14
N LEU A 203 -8.17 0.02 -6.74
CA LEU A 203 -7.93 -0.20 -5.32
C LEU A 203 -7.48 1.07 -4.62
N THR A 204 -6.61 1.85 -5.27
CA THR A 204 -6.12 3.08 -4.65
C THR A 204 -7.20 4.16 -4.64
N ALA A 205 -8.12 4.15 -5.61
CA ALA A 205 -9.26 5.07 -5.57
C ALA A 205 -10.21 4.72 -4.43
N MSE A 206 -10.53 3.45 -4.28
CA MSE A 206 -11.35 2.94 -3.17
C MSE A 206 -10.79 3.49 -1.86
O MSE A 206 -11.51 4.02 -1.01
CB MSE A 206 -11.33 1.41 -3.16
CG MSE A 206 -12.52 0.75 -2.51
SE MSE A 206 -12.31 -1.21 -2.52
CE MSE A 206 -11.16 -1.36 -0.95
N GLY A 207 -9.46 3.37 -1.74
CA GLY A 207 -8.78 3.82 -0.54
C GLY A 207 -8.91 5.32 -0.33
N ALA A 208 -8.81 6.12 -1.40
CA ALA A 208 -8.99 7.55 -1.24
C ALA A 208 -10.38 7.86 -0.71
N TYR A 209 -11.39 7.15 -1.20
CA TYR A 209 -12.76 7.40 -0.78
C TYR A 209 -13.03 6.83 0.61
N HIS A 210 -12.29 5.78 1.00
CA HIS A 210 -12.39 5.30 2.39
C HIS A 210 -11.91 6.37 3.37
N ARG A 211 -10.80 7.05 3.04
CA ARG A 211 -10.27 8.10 3.91
C ARG A 211 -11.29 9.20 4.14
N LEU A 212 -11.96 9.68 3.07
CA LEU A 212 -12.98 10.71 3.25
C LEU A 212 -14.23 10.18 3.93
N LEU A 213 -14.60 8.93 3.66
CA LEU A 213 -15.82 8.41 4.27
C LEU A 213 -15.64 8.17 5.75
N LEU A 214 -14.41 7.91 6.20
CA LEU A 214 -14.21 7.65 7.63
C LEU A 214 -14.49 8.88 8.48
N ASP A 215 -14.41 10.09 7.90
CA ASP A 215 -14.80 11.30 8.62
C ASP A 215 -16.26 11.65 8.48
N TRP A 216 -17.03 10.85 7.72
CA TRP A 216 -18.41 11.19 7.44
C TRP A 216 -19.27 10.91 8.66
N SER A 217 -20.21 11.80 8.93
CA SER A 217 -21.17 11.58 9.99
C SER A 217 -22.56 11.77 9.43
N PRO A 218 -23.59 11.13 10.03
CA PRO A 218 -24.98 11.17 9.47
C PRO A 218 -25.77 12.38 9.98
N THR A 219 -25.33 13.55 9.55
CA THR A 219 -25.99 14.79 9.87
C THR A 219 -27.34 14.89 9.16
N PRO A 220 -28.26 15.69 9.69
CA PRO A 220 -29.56 15.83 9.04
C PRO A 220 -29.47 16.71 7.81
N VAL A 221 -30.43 16.52 6.93
CA VAL A 221 -30.51 17.21 5.65
C VAL A 221 -31.93 17.79 5.56
N ARG A 222 -32.10 18.82 4.73
CA ARG A 222 -33.43 19.42 4.63
C ARG A 222 -34.37 18.59 3.77
N ALA A 223 -33.87 18.04 2.66
CA ALA A 223 -34.72 17.34 1.72
C ALA A 223 -35.35 16.10 2.35
N PRO A 224 -36.57 15.73 1.96
CA PRO A 224 -37.16 14.47 2.44
C PRO A 224 -36.30 13.28 2.03
N VAL A 225 -36.10 12.37 2.96
CA VAL A 225 -35.32 11.16 2.72
C VAL A 225 -36.24 9.96 2.59
N LEU A 226 -36.18 9.32 1.42
CA LEU A 226 -36.67 7.96 1.24
C LEU A 226 -35.54 7.00 1.60
N HIS A 227 -35.74 6.25 2.69
CA HIS A 227 -34.80 5.27 3.19
C HIS A 227 -35.27 3.88 2.77
N LEU A 228 -34.42 3.17 2.01
CA LEU A 228 -34.72 1.83 1.54
C LEU A 228 -33.70 0.89 2.18
N ARG A 229 -34.14 -0.26 2.68
CA ARG A 229 -33.20 -1.10 3.40
C ARG A 229 -33.40 -2.56 3.05
N ALA A 230 -32.35 -3.36 3.30
CA ALA A 230 -32.33 -4.74 2.86
C ALA A 230 -33.13 -5.63 3.82
N ALA A 231 -33.97 -6.49 3.24
CA ALA A 231 -34.72 -7.46 4.01
C ALA A 231 -33.83 -8.52 4.63
N GLU A 232 -32.73 -8.88 3.96
CA GLU A 232 -31.96 -10.04 4.36
C GLU A 232 -30.58 -9.66 4.86
N PRO A 233 -30.05 -10.33 5.88
CA PRO A 233 -28.67 -10.07 6.29
C PRO A 233 -27.70 -10.70 5.29
N MSE A 234 -26.93 -9.84 4.63
CA MSE A 234 -25.93 -10.25 3.65
C MSE A 234 -25.02 -11.38 4.17
O MSE A 234 -24.88 -12.43 3.55
CB MSE A 234 -25.12 -9.02 3.27
CG MSE A 234 -24.32 -9.13 2.00
SE MSE A 234 -22.79 -7.98 2.34
CE MSE A 234 -22.05 -9.12 3.70
N GLY A 235 -24.40 -11.14 5.33
CA GLY A 235 -23.64 -12.17 6.03
C GLY A 235 -24.42 -12.72 7.22
N ASP A 236 -23.79 -13.66 7.92
CA ASP A 236 -24.52 -14.25 9.04
C ASP A 236 -24.52 -13.27 10.21
N TRP A 237 -25.60 -13.33 10.99
CA TRP A 237 -25.83 -12.41 12.10
C TRP A 237 -26.22 -13.21 13.34
N PRO A 238 -25.23 -13.73 14.06
CA PRO A 238 -25.50 -14.62 15.21
C PRO A 238 -26.45 -14.01 16.22
N PRO A 239 -26.33 -12.71 16.57
CA PRO A 239 -27.29 -12.15 17.55
C PRO A 239 -28.74 -12.52 17.30
N GLY A 240 -29.11 -12.81 16.06
CA GLY A 240 -30.47 -13.23 15.77
C GLY A 240 -31.51 -12.14 15.84
N ASP A 241 -31.09 -10.88 15.93
CA ASP A 241 -32.05 -9.78 15.98
C ASP A 241 -31.89 -8.91 14.73
N THR A 242 -32.46 -7.71 14.77
CA THR A 242 -32.42 -6.79 13.65
C THR A 242 -31.37 -5.70 13.82
N GLY A 243 -30.41 -5.91 14.72
CA GLY A 243 -29.30 -4.98 14.85
C GLY A 243 -28.35 -4.95 13.67
N TRP A 244 -28.64 -5.69 12.61
CA TRP A 244 -27.81 -5.62 11.42
C TRP A 244 -28.30 -4.59 10.41
N GLN A 245 -29.50 -4.05 10.58
CA GLN A 245 -30.14 -3.29 9.52
C GLN A 245 -29.69 -1.84 9.49
N SER A 246 -29.71 -1.27 8.28
CA SER A 246 -29.49 0.14 8.09
C SER A 246 -30.59 0.95 8.79
N HIS A 247 -30.19 2.10 9.34
CA HIS A 247 -30.99 2.89 10.28
C HIS A 247 -30.94 4.37 9.90
N TRP A 248 -32.10 4.98 9.56
CA TRP A 248 -32.19 6.43 9.31
C TRP A 248 -33.37 7.05 10.06
N ASP A 249 -33.10 7.62 11.25
CA ASP A 249 -34.12 8.32 12.01
C ASP A 249 -34.53 9.60 11.31
N GLY A 250 -35.84 9.85 11.26
CA GLY A 250 -36.32 11.08 10.64
C GLY A 250 -36.54 10.99 9.15
N ALA A 251 -36.42 9.81 8.56
CA ALA A 251 -36.73 9.66 7.15
C ALA A 251 -38.22 9.90 6.90
N HIS A 252 -38.50 10.47 5.73
CA HIS A 252 -39.89 10.62 5.32
C HIS A 252 -40.59 9.27 5.29
N THR A 253 -39.96 8.31 4.61
CA THR A 253 -40.49 6.98 4.35
C THR A 253 -39.37 5.97 4.55
N THR A 254 -39.71 4.80 5.09
CA THR A 254 -38.75 3.73 5.36
C THR A 254 -39.30 2.43 4.79
N ALA A 255 -38.73 1.95 3.69
CA ALA A 255 -39.24 0.74 3.06
C ALA A 255 -38.19 -0.36 3.04
N GLY A 256 -38.61 -1.57 3.37
CA GLY A 256 -37.76 -2.73 3.16
C GLY A 256 -37.85 -3.18 1.70
N ILE A 257 -36.71 -3.61 1.16
CA ILE A 257 -36.61 -4.05 -0.23
C ILE A 257 -36.14 -5.50 -0.24
N PRO A 258 -36.68 -6.36 -1.10
CA PRO A 258 -36.28 -7.78 -1.10
C PRO A 258 -34.79 -7.98 -1.34
N GLY A 259 -34.24 -9.01 -0.70
CA GLY A 259 -32.84 -9.36 -0.90
C GLY A 259 -31.94 -8.80 0.17
N ASN A 260 -30.63 -8.95 -0.06
CA ASN A 260 -29.63 -8.48 0.88
C ASN A 260 -29.02 -7.17 0.37
N HIS A 261 -27.95 -6.73 1.04
CA HIS A 261 -27.32 -5.46 0.69
C HIS A 261 -27.02 -5.38 -0.81
N PHE A 262 -26.55 -6.48 -1.41
CA PHE A 262 -26.18 -6.41 -2.82
C PHE A 262 -27.32 -6.74 -3.78
N THR A 263 -28.06 -7.83 -3.55
CA THR A 263 -29.09 -8.21 -4.51
C THR A 263 -30.28 -7.27 -4.51
N MSE A 264 -30.43 -6.45 -3.46
CA MSE A 264 -31.52 -5.47 -3.39
C MSE A 264 -31.47 -4.53 -4.60
O MSE A 264 -32.46 -3.91 -4.95
CB MSE A 264 -31.44 -4.68 -2.08
CG MSE A 264 -30.37 -3.59 -2.01
SE MSE A 264 -30.36 -2.64 -0.27
CE MSE A 264 -32.22 -1.98 -0.37
N MSE A 265 -30.30 -4.41 -5.22
CA MSE A 265 -30.13 -3.57 -6.40
C MSE A 265 -29.80 -4.41 -7.62
O MSE A 265 -29.65 -3.89 -8.73
CB MSE A 265 -29.09 -2.49 -6.16
CG MSE A 265 -29.65 -1.25 -5.49
SE MSE A 265 -30.99 -0.32 -6.59
CE MSE A 265 -29.78 0.89 -7.53
N THR A 266 -29.68 -5.71 -7.43
CA THR A 266 -29.56 -6.65 -8.54
C THR A 266 -30.92 -7.26 -8.86
N GLU A 267 -31.20 -8.40 -8.25
CA GLU A 267 -32.42 -9.17 -8.58
C GLU A 267 -33.67 -8.38 -8.29
N HIS A 268 -33.64 -7.53 -7.26
CA HIS A 268 -34.85 -6.87 -6.79
C HIS A 268 -34.83 -5.38 -7.08
N ALA A 269 -34.05 -4.96 -8.08
CA ALA A 269 -33.98 -3.54 -8.44
C ALA A 269 -35.35 -3.00 -8.84
N SER A 270 -36.14 -3.80 -9.55
CA SER A 270 -37.49 -3.36 -9.92
C SER A 270 -38.33 -3.07 -8.69
N ALA A 271 -38.11 -3.81 -7.62
CA ALA A 271 -38.80 -3.51 -6.37
C ALA A 271 -38.41 -2.14 -5.86
N ALA A 272 -37.12 -1.85 -5.84
CA ALA A 272 -36.65 -0.54 -5.40
C ALA A 272 -37.21 0.56 -6.29
N ALA A 273 -37.31 0.29 -7.60
CA ALA A 273 -37.70 1.33 -8.54
C ALA A 273 -39.21 1.59 -8.51
N ARG A 274 -40.04 0.54 -8.39
CA ARG A 274 -41.47 0.79 -8.22
C ARG A 274 -41.72 1.64 -6.98
N LEU A 275 -40.95 1.39 -5.92
CA LEU A 275 -41.15 2.11 -4.66
C LEU A 275 -40.71 3.56 -4.77
N VAL A 276 -39.49 3.79 -5.29
CA VAL A 276 -39.03 5.16 -5.53
C VAL A 276 -40.03 5.92 -6.37
N HIS A 277 -40.44 5.30 -7.48
CA HIS A 277 -41.31 5.93 -8.46
C HIS A 277 -42.59 6.42 -7.79
N GLY A 278 -43.20 5.58 -6.96
CA GLY A 278 -44.41 5.99 -6.27
C GLY A 278 -44.15 7.09 -5.26
N TRP A 279 -43.03 7.01 -4.55
CA TRP A 279 -42.69 8.04 -3.56
C TRP A 279 -42.50 9.39 -4.21
N LEU A 280 -41.88 9.42 -5.40
CA LEU A 280 -41.61 10.68 -6.09
C LEU A 280 -42.91 11.36 -6.51
N ALA A 281 -43.86 10.58 -7.03
CA ALA A 281 -45.12 11.14 -7.48
C ALA A 281 -46.21 10.89 -6.45
N THR B 1 -1.27 15.95 -5.47
CA THR B 1 -1.76 16.78 -6.57
C THR B 1 -1.01 16.58 -7.91
N GLY B 2 0.28 16.19 -7.86
CA GLY B 2 0.92 15.62 -9.03
C GLY B 2 2.30 16.15 -9.39
N ALA B 3 3.36 15.43 -9.02
CA ALA B 3 4.73 15.92 -9.22
C ALA B 3 5.30 15.61 -10.60
N ALA B 4 4.79 14.59 -11.29
CA ALA B 4 5.26 14.25 -12.63
C ALA B 4 4.14 13.58 -13.39
N PRO B 5 3.28 14.37 -14.02
CA PRO B 5 2.12 13.79 -14.73
C PRO B 5 2.51 12.83 -15.83
N ALA B 6 3.71 12.98 -16.41
CA ALA B 6 4.19 12.09 -17.44
C ALA B 6 4.24 10.63 -17.01
N ASP B 7 4.27 10.36 -15.70
CA ASP B 7 4.28 8.98 -15.23
C ASP B 7 2.87 8.40 -15.36
N ALA B 8 2.76 7.23 -16.00
CA ALA B 8 1.48 6.60 -16.30
C ALA B 8 1.32 5.23 -15.64
N GLY B 9 2.02 4.97 -14.54
CA GLY B 9 1.83 3.75 -13.79
C GLY B 9 0.77 3.91 -12.71
N SER B 10 0.54 2.84 -11.94
CA SER B 10 -0.38 2.97 -10.82
C SER B 10 -0.09 2.06 -9.63
N GLY B 11 0.73 1.03 -9.79
CA GLY B 11 0.98 0.11 -8.71
C GLY B 11 1.84 0.73 -7.61
N LEU B 12 2.39 -0.15 -6.78
CA LEU B 12 3.35 0.32 -5.78
C LEU B 12 4.54 1.06 -6.40
N PRO B 13 5.15 0.61 -7.50
CA PRO B 13 6.24 1.39 -8.12
C PRO B 13 5.88 2.84 -8.38
N ALA B 14 4.71 3.10 -8.98
CA ALA B 14 4.33 4.48 -9.23
C ALA B 14 4.11 5.24 -7.93
N LEU B 15 3.48 4.60 -6.96
CA LEU B 15 3.32 5.22 -5.65
C LEU B 15 4.68 5.46 -5.01
N TYR B 16 5.61 4.52 -5.19
CA TYR B 16 6.97 4.71 -4.72
C TYR B 16 7.58 5.96 -5.36
N ARG B 17 7.55 6.03 -6.69
CA ARG B 17 8.10 7.17 -7.39
C ARG B 17 7.50 8.46 -6.87
N GLU B 18 6.19 8.50 -6.65
CA GLU B 18 5.57 9.75 -6.18
C GLU B 18 6.00 10.11 -4.76
N ALA B 19 6.22 9.11 -3.91
CA ALA B 19 6.83 9.35 -2.60
C ALA B 19 8.19 10.04 -2.73
N VAL B 20 9.10 9.45 -3.51
CA VAL B 20 10.45 10.01 -3.57
C VAL B 20 10.44 11.39 -4.20
N ARG B 21 9.55 11.63 -5.17
CA ARG B 21 9.46 12.94 -5.80
C ARG B 21 8.96 14.01 -4.83
N THR B 22 8.21 13.63 -3.80
CA THR B 22 7.64 14.60 -2.86
C THR B 22 8.25 14.49 -1.46
N GLY B 23 9.42 13.85 -1.34
CA GLY B 23 10.14 13.87 -0.08
C GLY B 23 9.52 13.04 1.02
N ARG B 24 8.77 12.00 0.68
CA ARG B 24 8.09 11.19 1.69
C ARG B 24 8.57 9.74 1.64
N ALA B 25 9.87 9.53 1.74
CA ALA B 25 10.39 8.16 1.79
C ALA B 25 9.96 7.46 3.06
N ALA B 26 10.03 8.17 4.20
CA ALA B 26 9.60 7.60 5.47
C ALA B 26 8.15 7.15 5.44
N GLU B 27 7.24 8.00 4.96
CA GLU B 27 5.84 7.60 4.88
C GLU B 27 5.70 6.34 4.04
N MSE B 28 6.40 6.30 2.91
CA MSE B 28 6.37 5.17 1.97
C MSE B 28 6.96 3.88 2.52
O MSE B 28 6.42 2.80 2.29
CB MSE B 28 7.10 5.55 0.68
CG MSE B 28 7.34 4.42 -0.33
SE MSE B 28 5.73 3.55 -1.10
CE MSE B 28 4.66 5.13 -1.46
N ALA B 29 8.07 4.00 3.25
CA ALA B 29 8.68 2.82 3.87
C ALA B 29 7.68 2.14 4.80
N GLU B 30 7.02 2.93 5.64
CA GLU B 30 5.93 2.42 6.48
C GLU B 30 4.84 1.76 5.65
N LEU B 31 4.41 2.42 4.57
CA LEU B 31 3.45 1.80 3.66
C LEU B 31 3.94 0.44 3.21
N LEU B 32 5.20 0.36 2.78
CA LEU B 32 5.72 -0.90 2.29
C LEU B 32 5.82 -1.92 3.40
N ALA B 33 6.19 -1.49 4.61
CA ALA B 33 6.25 -2.44 5.72
C ALA B 33 4.86 -2.94 6.10
N ALA B 34 3.84 -2.08 6.04
CA ALA B 34 2.49 -2.56 6.30
C ALA B 34 1.99 -3.48 5.19
N ALA B 35 2.39 -3.21 3.95
CA ALA B 35 1.99 -4.05 2.81
C ALA B 35 2.54 -5.47 2.93
N SER B 36 3.77 -5.61 3.43
CA SER B 36 4.40 -6.92 3.49
C SER B 36 3.67 -7.85 4.44
N ARG B 37 2.77 -7.32 5.28
CA ARG B 37 1.98 -8.20 6.12
C ARG B 37 1.08 -9.10 5.29
N PHE B 38 0.74 -8.72 4.07
CA PHE B 38 -0.14 -9.51 3.22
C PHE B 38 0.60 -10.36 2.19
N ARG B 39 1.98 -10.52 2.31
CA ARG B 39 2.76 -11.46 1.50
C ARG B 39 2.86 -12.79 2.22
N PRO B 40 2.59 -13.91 1.54
CA PRO B 40 2.86 -15.21 2.14
C PRO B 40 4.30 -15.24 2.65
N ALA B 41 4.49 -15.92 3.77
CA ALA B 41 5.80 -15.93 4.41
C ALA B 41 6.09 -17.35 4.86
N PHE B 42 7.39 -17.73 4.87
CA PHE B 42 7.81 -19.06 5.29
C PHE B 42 8.29 -19.03 6.75
N GLY B 43 8.03 -20.13 7.46
CA GLY B 43 8.43 -20.26 8.84
C GLY B 43 9.45 -21.37 9.01
N THR B 44 9.81 -21.63 10.27
CA THR B 44 10.89 -22.59 10.51
C THR B 44 10.49 -24.01 10.17
N ALA B 45 9.19 -24.35 10.18
CA ALA B 45 8.82 -25.71 9.82
C ALA B 45 8.99 -25.95 8.33
N ASP B 46 8.53 -25.02 7.49
CA ASP B 46 8.61 -25.23 6.05
C ASP B 46 9.51 -24.20 5.39
N ARG B 47 10.77 -24.14 5.83
CA ARG B 47 11.71 -23.16 5.31
C ARG B 47 11.93 -23.33 3.82
N GLN B 48 11.82 -22.24 3.07
CA GLN B 48 12.22 -22.32 1.67
C GLN B 48 13.74 -22.35 1.60
N PRO B 49 14.30 -23.04 0.60
CA PRO B 49 15.75 -23.22 0.54
C PRO B 49 16.45 -21.93 0.13
N VAL B 50 17.71 -21.85 0.50
CA VAL B 50 18.59 -20.74 0.14
C VAL B 50 19.84 -21.32 -0.50
N ALA B 51 20.28 -20.72 -1.61
CA ALA B 51 21.51 -21.11 -2.27
C ALA B 51 22.47 -19.94 -2.27
N LEU B 52 23.68 -20.17 -1.78
CA LEU B 52 24.73 -19.18 -1.90
C LEU B 52 25.20 -19.09 -3.35
N VAL B 53 25.61 -17.89 -3.74
CA VAL B 53 26.02 -17.61 -5.11
C VAL B 53 27.53 -17.44 -5.14
N PRO B 54 28.26 -18.30 -5.87
CA PRO B 54 29.72 -18.15 -5.94
C PRO B 54 30.14 -16.80 -6.52
N LEU B 55 31.19 -16.21 -5.93
CA LEU B 55 31.62 -14.87 -6.33
C LEU B 55 33.07 -14.78 -6.81
N ALA B 56 33.99 -15.59 -6.29
CA ALA B 56 35.38 -15.55 -6.73
C ALA B 56 36.15 -16.67 -6.06
N ASP B 57 37.41 -16.83 -6.47
CA ASP B 57 38.32 -17.78 -5.83
C ASP B 57 39.74 -17.23 -5.74
N GLY B 63 45.07 -19.62 1.88
CA GLY B 63 45.21 -19.58 3.32
C GLY B 63 44.16 -18.78 4.08
N LEU B 64 43.38 -17.96 3.38
CA LEU B 64 42.38 -17.12 4.00
C LEU B 64 41.06 -17.87 4.19
N PRO B 65 40.19 -17.41 5.08
CA PRO B 65 38.88 -18.05 5.25
C PRO B 65 37.96 -17.72 4.08
N LEU B 66 36.82 -18.39 4.06
CA LEU B 66 35.75 -18.02 3.13
C LEU B 66 35.16 -16.67 3.54
N LEU B 67 35.02 -15.77 2.58
CA LEU B 67 34.35 -14.50 2.75
C LEU B 67 32.92 -14.64 2.22
N VAL B 68 31.95 -14.15 2.98
CA VAL B 68 30.53 -14.32 2.66
C VAL B 68 29.85 -12.96 2.74
N GLY B 69 29.34 -12.47 1.62
CA GLY B 69 28.68 -11.18 1.57
C GLY B 69 27.19 -11.36 1.67
N CYS B 70 26.59 -10.82 2.74
CA CYS B 70 25.15 -10.90 2.93
C CYS B 70 24.51 -9.78 2.15
N ALA B 71 23.60 -10.11 1.22
CA ALA B 71 22.97 -9.10 0.40
C ALA B 71 22.19 -8.10 1.28
N GLY B 72 22.01 -6.90 0.75
CA GLY B 72 21.24 -5.87 1.42
C GLY B 72 19.75 -6.12 1.26
N THR B 73 18.96 -5.17 1.76
CA THR B 73 17.51 -5.32 1.76
C THR B 73 16.84 -4.24 0.93
N ALA B 74 17.61 -3.54 0.12
CA ALA B 74 17.02 -2.55 -0.75
C ALA B 74 16.62 -3.22 -2.06
N VAL B 75 15.81 -2.49 -2.83
CA VAL B 75 15.33 -2.94 -4.12
C VAL B 75 16.50 -3.25 -5.06
N ALA B 76 17.58 -2.46 -4.98
CA ALA B 76 18.76 -2.69 -5.80
C ALA B 76 19.58 -3.89 -5.37
N SER B 77 19.25 -4.52 -4.25
CA SER B 77 20.17 -5.44 -3.58
C SER B 77 20.00 -6.88 -4.08
N GLY B 78 21.05 -7.66 -3.87
CA GLY B 78 21.14 -9.02 -4.35
C GLY B 78 22.61 -9.28 -4.53
N PRO B 79 22.99 -10.46 -5.04
CA PRO B 79 24.42 -10.77 -5.16
C PRO B 79 25.21 -9.74 -5.96
N VAL B 80 24.62 -9.21 -7.05
CA VAL B 80 25.24 -8.18 -7.89
C VAL B 80 26.01 -7.13 -7.08
N GLU B 81 25.45 -6.72 -5.94
CA GLU B 81 26.02 -5.57 -5.25
C GLU B 81 27.49 -5.77 -4.88
N PHE B 82 27.95 -7.02 -4.76
CA PHE B 82 29.34 -7.30 -4.42
C PHE B 82 30.27 -7.43 -5.62
N THR B 83 29.76 -7.39 -6.85
CA THR B 83 30.56 -7.91 -7.95
C THR B 83 31.83 -7.07 -8.18
N ALA B 84 31.75 -5.75 -7.99
CA ALA B 84 32.96 -4.93 -8.07
C ALA B 84 33.95 -5.30 -6.98
N PHE B 85 33.47 -5.42 -5.74
CA PHE B 85 34.33 -5.85 -4.64
C PHE B 85 34.96 -7.21 -4.93
N ALA B 86 34.16 -8.16 -5.43
CA ALA B 86 34.69 -9.49 -5.71
C ALA B 86 35.71 -9.44 -6.84
N GLY B 87 35.45 -8.65 -7.87
CA GLY B 87 36.38 -8.54 -8.98
C GLY B 87 37.70 -7.92 -8.57
N ALA B 88 37.64 -6.87 -7.74
CA ALA B 88 38.87 -6.31 -7.19
C ALA B 88 39.54 -7.28 -6.24
N LEU B 89 38.75 -8.06 -5.50
CA LEU B 89 39.32 -9.07 -4.61
C LEU B 89 40.04 -10.16 -5.38
N ALA B 90 39.58 -10.48 -6.60
CA ALA B 90 40.12 -11.63 -7.32
C ALA B 90 41.56 -11.42 -7.73
N ASP B 91 41.86 -10.32 -8.40
CA ASP B 91 43.22 -10.08 -8.93
C ASP B 91 44.29 -9.83 -7.81
N LEU B 92 43.95 -10.01 -6.53
CA LEU B 92 44.84 -9.86 -5.39
C LEU B 92 45.57 -11.17 -5.10
N PRO B 93 46.85 -11.10 -4.77
CA PRO B 93 47.60 -12.33 -4.43
C PRO B 93 47.04 -13.00 -3.20
N ALA B 94 46.89 -14.32 -3.28
CA ALA B 94 46.47 -15.16 -2.17
C ALA B 94 45.07 -14.79 -1.66
N ALA B 95 44.22 -14.24 -2.51
CA ALA B 95 42.94 -13.71 -2.07
C ALA B 95 42.00 -14.81 -1.58
N ALA B 96 41.06 -14.43 -0.72
CA ALA B 96 40.11 -15.39 -0.20
C ALA B 96 39.09 -15.78 -1.27
N PRO B 97 38.54 -16.98 -1.18
CA PRO B 97 37.35 -17.27 -1.98
C PRO B 97 36.16 -16.56 -1.37
N MSE B 98 35.21 -16.19 -2.22
CA MSE B 98 34.07 -15.40 -1.78
C MSE B 98 32.76 -16.06 -2.21
O MSE B 98 32.70 -16.74 -3.23
CB MSE B 98 34.15 -13.96 -2.33
CG MSE B 98 33.12 -13.04 -1.66
SE MSE B 98 33.46 -11.14 -1.85
CE MSE B 98 31.99 -10.48 -0.71
N ALA B 99 31.71 -15.84 -1.42
CA ALA B 99 30.36 -16.24 -1.80
C ALA B 99 29.41 -15.10 -1.44
N ALA B 100 28.11 -15.35 -1.65
CA ALA B 100 27.10 -14.34 -1.34
C ALA B 100 25.84 -15.01 -0.79
N LEU B 101 25.36 -14.51 0.35
CA LEU B 101 24.09 -14.95 0.92
C LEU B 101 22.97 -14.04 0.45
N PRO B 102 21.99 -14.54 -0.28
CA PRO B 102 20.87 -13.69 -0.68
C PRO B 102 19.82 -13.65 0.43
N GLN B 103 19.04 -12.56 0.43
CA GLN B 103 17.89 -12.50 1.32
C GLN B 103 16.67 -12.97 0.53
N PRO B 104 16.00 -14.05 0.93
CA PRO B 104 14.92 -14.61 0.11
C PRO B 104 13.72 -13.69 0.04
N GLY B 105 13.03 -13.74 -1.12
CA GLY B 105 11.76 -13.06 -1.30
C GLY B 105 11.78 -11.92 -2.30
N PHE B 106 12.96 -11.42 -2.66
CA PHE B 106 12.99 -10.34 -3.64
C PHE B 106 12.69 -10.87 -5.03
N LEU B 107 12.99 -12.16 -5.29
CA LEU B 107 12.85 -12.78 -6.60
C LEU B 107 11.55 -13.56 -6.69
N PRO B 108 10.99 -13.73 -7.88
CA PRO B 108 9.69 -14.39 -7.99
C PRO B 108 9.81 -15.91 -7.97
N GLY B 109 8.81 -16.57 -7.39
CA GLY B 109 7.92 -15.97 -6.42
C GLY B 109 8.28 -16.56 -5.06
N GLU B 110 9.35 -16.03 -4.47
CA GLU B 110 9.80 -16.53 -3.18
C GLU B 110 8.98 -15.90 -2.06
N ARG B 111 8.75 -16.67 -1.01
CA ARG B 111 8.20 -16.13 0.22
C ARG B 111 9.25 -15.34 0.99
N VAL B 112 8.80 -14.32 1.72
CA VAL B 112 9.67 -13.65 2.68
C VAL B 112 9.65 -14.51 3.93
N PRO B 113 10.60 -14.34 4.86
CA PRO B 113 10.49 -15.05 6.13
C PRO B 113 9.32 -14.53 6.93
N ALA B 114 8.74 -15.43 7.73
CA ALA B 114 7.75 -14.99 8.70
C ALA B 114 8.44 -14.36 9.91
N THR B 115 9.60 -14.86 10.28
CA THR B 115 10.34 -14.50 11.49
C THR B 115 11.82 -14.44 11.17
N PRO B 116 12.62 -13.75 12.01
CA PRO B 116 14.08 -13.79 11.79
C PRO B 116 14.67 -15.17 11.97
N GLU B 117 14.16 -15.93 12.93
CA GLU B 117 14.67 -17.29 13.14
C GLU B 117 14.51 -18.15 11.89
N ALA B 118 13.36 -18.06 11.22
CA ALA B 118 13.17 -18.84 9.99
C ALA B 118 14.17 -18.42 8.92
N LEU B 119 14.46 -17.12 8.84
CA LEU B 119 15.45 -16.63 7.90
C LEU B 119 16.83 -17.17 8.23
N PHE B 120 17.28 -16.99 9.48
CA PHE B 120 18.66 -17.30 9.79
C PHE B 120 18.89 -18.79 9.90
N GLU B 121 17.88 -19.55 10.30
CA GLU B 121 17.97 -21.00 10.20
C GLU B 121 18.21 -21.42 8.76
N ALA B 122 17.47 -20.82 7.82
CA ALA B 122 17.62 -21.15 6.40
C ALA B 122 18.94 -20.67 5.83
N GLN B 123 19.38 -19.46 6.18
CA GLN B 123 20.66 -18.99 5.67
C GLN B 123 21.82 -19.75 6.32
N ALA B 124 21.68 -20.13 7.58
CA ALA B 124 22.76 -20.81 8.28
C ALA B 124 23.00 -22.22 7.75
N GLU B 125 21.95 -22.87 7.26
CA GLU B 125 22.15 -24.23 6.74
C GLU B 125 22.79 -24.19 5.35
N ALA B 126 22.38 -23.24 4.52
CA ALA B 126 23.11 -23.02 3.28
C ALA B 126 24.58 -22.70 3.55
N LEU B 127 24.83 -21.82 4.52
CA LEU B 127 26.19 -21.36 4.81
C LEU B 127 27.10 -22.52 5.24
N LEU B 128 26.68 -23.26 6.26
CA LEU B 128 27.52 -24.36 6.73
C LEU B 128 27.66 -25.44 5.67
N ARG B 129 26.65 -25.65 4.82
CA ARG B 129 26.80 -26.64 3.76
C ARG B 129 27.78 -26.15 2.71
N TYR B 130 27.80 -24.84 2.44
CA TYR B 130 28.71 -24.29 1.44
C TYR B 130 30.15 -24.23 1.96
N ALA B 131 30.33 -24.00 3.26
CA ALA B 131 31.65 -23.76 3.81
C ALA B 131 32.39 -25.04 4.17
N ALA B 132 31.67 -26.12 4.44
CA ALA B 132 32.24 -27.35 5.00
C ALA B 132 32.87 -26.95 6.34
N GLY B 133 34.02 -27.51 6.69
CA GLY B 133 34.67 -27.12 7.91
C GLY B 133 35.50 -25.86 7.83
N ARG B 134 35.57 -25.22 6.67
CA ARG B 134 36.37 -24.02 6.50
C ARG B 134 35.85 -22.91 7.42
N PRO B 135 36.74 -22.16 8.05
CA PRO B 135 36.30 -20.95 8.75
C PRO B 135 35.75 -19.92 7.78
N PHE B 136 34.80 -19.13 8.23
CA PHE B 136 34.27 -18.09 7.36
C PHE B 136 34.23 -16.75 8.08
N VAL B 137 34.19 -15.68 7.29
CA VAL B 137 34.06 -14.32 7.76
C VAL B 137 32.87 -13.72 7.03
N LEU B 138 31.92 -13.16 7.78
CA LEU B 138 30.74 -12.54 7.18
C LEU B 138 31.00 -11.08 6.89
N LEU B 139 30.30 -10.55 5.88
CA LEU B 139 30.46 -9.16 5.49
C LEU B 139 29.10 -8.66 5.01
N GLY B 140 28.86 -7.36 5.15
CA GLY B 140 27.66 -6.75 4.61
C GLY B 140 27.74 -5.23 4.60
N HIS B 141 27.01 -4.58 3.68
CA HIS B 141 27.10 -3.14 3.47
C HIS B 141 25.71 -2.52 3.52
N SER B 142 25.63 -1.38 4.21
CA SER B 142 24.36 -0.66 4.41
C SER B 142 23.41 -1.56 5.18
N ALA B 143 22.25 -1.91 4.63
CA ALA B 143 21.34 -2.76 5.39
C ALA B 143 21.85 -4.19 5.46
N GLY B 144 22.58 -4.62 4.43
CA GLY B 144 23.28 -5.90 4.48
C GLY B 144 24.26 -6.00 5.64
N ALA B 145 24.73 -4.87 6.16
CA ALA B 145 25.55 -4.92 7.37
C ALA B 145 24.71 -5.28 8.58
N ASN B 146 23.50 -4.71 8.68
CA ASN B 146 22.60 -5.13 9.75
C ASN B 146 22.28 -6.61 9.61
N MSE B 147 21.95 -7.06 8.40
CA MSE B 147 21.64 -8.47 8.18
C MSE B 147 22.79 -9.43 8.53
O MSE B 147 22.52 -10.57 8.92
CB MSE B 147 21.23 -8.70 6.71
CG MSE B 147 19.97 -7.89 6.32
SE MSE B 147 18.51 -8.16 7.66
CE MSE B 147 18.23 -10.02 7.30
N ALA B 148 24.05 -8.99 8.39
CA ALA B 148 25.18 -9.89 8.66
C ALA B 148 25.51 -9.97 10.14
N HIS B 149 25.27 -8.89 10.87
CA HIS B 149 25.43 -8.89 12.33
C HIS B 149 24.37 -9.75 13.01
N ALA B 150 23.14 -9.74 12.49
CA ALA B 150 22.10 -10.57 13.06
C ALA B 150 22.35 -12.04 12.77
N LEU B 151 22.72 -12.37 11.54
CA LEU B 151 23.08 -13.76 11.27
C LEU B 151 24.21 -14.21 12.20
N THR B 152 25.19 -13.33 12.40
CA THR B 152 26.26 -13.57 13.37
C THR B 152 25.68 -13.89 14.76
N ARG B 153 24.84 -12.99 15.28
CA ARG B 153 24.15 -13.25 16.56
C ARG B 153 23.57 -14.66 16.59
N HIS B 154 22.87 -15.05 15.52
CA HIS B 154 22.20 -16.35 15.51
C HIS B 154 23.20 -17.49 15.50
N LEU B 155 24.24 -17.38 14.68
CA LEU B 155 25.28 -18.41 14.65
C LEU B 155 25.95 -18.57 16.02
N GLU B 156 26.44 -17.46 16.58
CA GLU B 156 27.11 -17.52 17.88
C GLU B 156 26.17 -18.06 18.96
N ALA B 157 24.90 -17.59 18.97
CA ALA B 157 23.95 -18.10 19.97
C ALA B 157 23.80 -19.62 19.88
N ASN B 158 23.98 -20.19 18.70
CA ASN B 158 23.83 -21.63 18.52
C ASN B 158 25.17 -22.36 18.55
N GLY B 159 26.17 -21.80 19.23
CA GLY B 159 27.44 -22.47 19.42
C GLY B 159 28.40 -22.42 18.25
N GLY B 160 28.04 -21.75 17.16
CA GLY B 160 28.90 -21.62 16.02
C GLY B 160 29.40 -20.20 15.90
N GLY B 161 29.73 -19.76 14.69
CA GLY B 161 30.04 -18.37 14.47
C GLY B 161 31.02 -18.17 13.34
N PRO B 162 31.15 -16.93 12.89
CA PRO B 162 32.20 -16.58 11.94
C PRO B 162 33.50 -16.24 12.67
N ALA B 163 34.59 -16.22 11.91
CA ALA B 163 35.89 -15.85 12.45
C ALA B 163 36.06 -14.34 12.62
N GLY B 164 35.23 -13.55 11.94
CA GLY B 164 35.25 -12.11 12.05
C GLY B 164 34.05 -11.57 11.31
N LEU B 165 33.71 -10.32 11.60
CA LEU B 165 32.53 -9.68 11.01
C LEU B 165 32.92 -8.33 10.41
N VAL B 166 32.68 -8.15 9.13
CA VAL B 166 32.98 -6.89 8.47
C VAL B 166 31.65 -6.19 8.27
N LEU B 167 31.60 -4.94 8.69
CA LEU B 167 30.37 -4.17 8.75
C LEU B 167 30.69 -2.84 8.07
N MSE B 168 30.24 -2.69 6.83
CA MSE B 168 30.47 -1.47 6.09
C MSE B 168 29.28 -0.52 6.19
O MSE B 168 28.19 -0.82 5.68
CB MSE B 168 30.78 -1.79 4.62
CG MSE B 168 31.70 -2.98 4.45
SE MSE B 168 32.08 -3.20 2.54
CE MSE B 168 33.40 -4.62 2.67
N ASP B 169 29.53 0.61 6.87
CA ASP B 169 28.61 1.75 6.95
C ASP B 169 27.23 1.39 7.50
N ILE B 170 27.24 0.84 8.71
CA ILE B 170 26.04 0.38 9.42
C ILE B 170 25.39 1.55 10.18
N TYR B 171 24.08 1.49 10.28
CA TYR B 171 23.27 2.45 11.03
C TYR B 171 22.17 1.65 11.72
N THR B 172 21.39 2.32 12.57
CA THR B 172 20.28 1.65 13.24
C THR B 172 18.99 2.05 12.55
N PRO B 173 18.27 1.13 11.92
CA PRO B 173 17.02 1.53 11.23
C PRO B 173 16.01 2.22 12.15
N ALA B 174 15.86 1.76 13.39
CA ALA B 174 14.95 2.37 14.34
C ALA B 174 15.47 3.68 14.93
N ASP B 175 16.76 3.98 14.71
CA ASP B 175 17.38 5.21 15.21
C ASP B 175 18.31 5.72 14.12
N PRO B 176 17.76 6.17 12.99
CA PRO B 176 18.53 6.21 11.74
C PRO B 176 19.65 7.23 11.70
N GLY B 177 19.72 8.16 12.65
CA GLY B 177 20.71 9.22 12.56
C GLY B 177 20.62 9.93 11.23
N ALA B 178 21.77 10.08 10.57
CA ALA B 178 21.81 10.76 9.27
C ALA B 178 21.04 10.01 8.19
N MSE B 179 20.90 8.69 8.33
CA MSE B 179 20.25 7.88 7.31
C MSE B 179 18.74 8.09 7.25
O MSE B 179 18.09 7.68 6.29
CB MSE B 179 20.53 6.38 7.53
CG MSE B 179 21.76 5.90 6.81
SE MSE B 179 21.87 6.61 4.99
CE MSE B 179 23.78 6.92 4.92
N GLY B 180 18.20 8.72 8.28
CA GLY B 180 16.80 9.14 8.25
C GLY B 180 16.70 10.47 7.54
N VAL B 181 17.59 11.39 7.90
CA VAL B 181 17.64 12.66 7.19
C VAL B 181 17.82 12.43 5.71
N TRP B 182 18.66 11.46 5.35
CA TRP B 182 18.96 11.17 3.95
C TRP B 182 18.07 10.08 3.36
N ARG B 183 17.00 9.69 4.05
CA ARG B 183 16.19 8.54 3.63
C ARG B 183 15.68 8.73 2.21
N ASN B 184 15.09 9.90 1.93
CA ASN B 184 14.60 10.17 0.58
C ASN B 184 15.74 10.11 -0.42
N ASP B 185 16.92 10.58 -0.03
CA ASP B 185 18.09 10.51 -0.91
C ASP B 185 18.45 9.06 -1.23
N MSE B 186 18.34 8.17 -0.26
CA MSE B 186 18.60 6.75 -0.50
C MSE B 186 17.58 6.12 -1.46
O MSE B 186 17.96 5.43 -2.42
CB MSE B 186 18.60 5.95 0.80
CG MSE B 186 18.67 4.46 0.57
SE MSE B 186 17.98 3.44 2.08
CE MSE B 186 17.82 1.69 1.21
N PHE B 187 16.30 6.35 -1.17
CA PHE B 187 15.21 5.84 -2.02
C PHE B 187 15.40 6.25 -3.47
N GLN B 188 15.88 7.49 -3.69
CA GLN B 188 16.28 7.96 -5.01
C GLN B 188 17.29 7.01 -5.64
N TRP B 189 18.41 6.79 -4.94
CA TRP B 189 19.52 6.05 -5.51
C TRP B 189 19.13 4.60 -5.79
N VAL B 190 18.50 3.92 -4.82
CA VAL B 190 18.31 2.47 -5.00
C VAL B 190 17.38 2.16 -6.16
N TRP B 191 16.51 3.10 -6.55
CA TRP B 191 15.69 2.91 -7.76
C TRP B 191 16.55 2.98 -9.01
N ARG B 192 17.29 4.09 -9.17
CA ARG B 192 18.05 4.31 -10.40
C ARG B 192 19.14 3.26 -10.59
N ARG B 193 19.70 2.74 -9.49
CA ARG B 193 20.77 1.75 -9.59
C ARG B 193 20.27 0.47 -10.27
N SER B 194 19.10 -0.03 -9.85
CA SER B 194 18.51 -1.31 -10.29
C SER B 194 19.11 -1.98 -11.52
N PRO B 198 12.18 -2.10 -10.84
CA PRO B 198 11.64 -2.45 -9.51
C PRO B 198 10.12 -2.63 -9.53
N ASP B 199 9.66 -3.83 -9.21
CA ASP B 199 8.24 -4.12 -9.29
C ASP B 199 7.64 -4.17 -7.88
N ASP B 200 6.38 -4.66 -7.80
CA ASP B 200 5.73 -4.80 -6.51
C ASP B 200 6.44 -5.84 -5.65
N HIS B 201 6.87 -6.94 -6.27
CA HIS B 201 7.50 -8.05 -5.54
C HIS B 201 8.74 -7.57 -4.79
N ARG B 202 9.67 -6.92 -5.49
CA ARG B 202 10.88 -6.45 -4.84
C ARG B 202 10.56 -5.38 -3.80
N LEU B 203 9.58 -4.54 -4.08
CA LEU B 203 9.21 -3.48 -3.15
C LEU B 203 8.57 -4.00 -1.87
N THR B 204 7.80 -5.09 -1.92
CA THR B 204 7.23 -5.57 -0.66
C THR B 204 8.24 -6.40 0.12
N ALA B 205 9.20 -7.01 -0.57
CA ALA B 205 10.32 -7.62 0.11
C ALA B 205 11.10 -6.60 0.94
N MSE B 206 11.46 -5.48 0.32
CA MSE B 206 12.05 -4.34 1.05
C MSE B 206 11.19 -3.90 2.25
O MSE B 206 11.71 -3.55 3.30
CB MSE B 206 12.28 -3.15 0.11
CG MSE B 206 12.73 -1.86 0.82
SE MSE B 206 13.35 -0.52 -0.46
CE MSE B 206 13.47 1.04 0.71
N GLY B 207 9.86 -3.92 2.07
CA GLY B 207 9.00 -3.61 3.19
C GLY B 207 9.10 -4.61 4.32
N ALA B 208 9.16 -5.91 3.99
CA ALA B 208 9.19 -6.95 5.02
C ALA B 208 10.49 -6.91 5.80
N TYR B 209 11.62 -6.72 5.12
CA TYR B 209 12.91 -6.66 5.81
C TYR B 209 13.07 -5.38 6.62
N HIS B 210 12.42 -4.29 6.17
CA HIS B 210 12.35 -3.07 6.97
C HIS B 210 11.60 -3.32 8.28
N ARG B 211 10.54 -4.11 8.24
CA ARG B 211 9.88 -4.53 9.47
C ARG B 211 10.82 -5.36 10.34
N LEU B 212 11.54 -6.30 9.73
CA LEU B 212 12.54 -7.06 10.50
C LEU B 212 13.49 -6.11 11.19
N LEU B 213 14.01 -5.14 10.46
CA LEU B 213 15.09 -4.31 10.95
C LEU B 213 14.62 -3.20 11.89
N LEU B 214 13.31 -3.08 12.15
CA LEU B 214 12.87 -2.20 13.22
C LEU B 214 13.03 -2.85 14.59
N ASP B 215 13.13 -4.18 14.67
CA ASP B 215 13.45 -4.86 15.91
C ASP B 215 14.97 -5.06 16.10
N TRP B 216 15.79 -4.50 15.21
CA TRP B 216 17.24 -4.69 15.27
C TRP B 216 17.85 -3.72 16.27
N SER B 217 18.81 -4.21 17.05
CA SER B 217 19.55 -3.35 17.97
C SER B 217 21.05 -3.60 17.89
N PRO B 218 21.87 -2.54 18.05
CA PRO B 218 23.33 -2.67 17.93
C PRO B 218 23.98 -3.39 19.09
N THR B 219 23.82 -4.69 19.12
CA THR B 219 24.27 -5.51 20.24
C THR B 219 25.62 -6.13 19.92
N PRO B 220 26.36 -6.55 20.95
CA PRO B 220 27.72 -7.09 20.72
C PRO B 220 27.73 -8.47 20.06
N VAL B 221 28.89 -8.80 19.46
CA VAL B 221 29.20 -10.14 19.01
C VAL B 221 30.60 -10.53 19.48
N ARG B 222 30.83 -11.84 19.58
CA ARG B 222 32.18 -12.32 19.89
C ARG B 222 33.14 -12.04 18.74
N ALA B 223 32.72 -12.33 17.51
CA ALA B 223 33.61 -12.23 16.35
C ALA B 223 34.24 -10.84 16.25
N PRO B 224 35.55 -10.74 16.02
CA PRO B 224 36.18 -9.42 15.86
C PRO B 224 35.51 -8.68 14.74
N VAL B 225 35.29 -7.41 14.93
CA VAL B 225 34.58 -6.64 13.92
C VAL B 225 35.56 -5.73 13.20
N LEU B 226 35.36 -5.60 11.89
CA LEU B 226 35.98 -4.58 11.07
C LEU B 226 34.89 -3.64 10.63
N HIS B 227 35.06 -2.36 10.91
CA HIS B 227 34.04 -1.34 10.63
C HIS B 227 34.58 -0.40 9.57
N LEU B 228 34.08 -0.53 8.35
CA LEU B 228 34.43 0.39 7.29
C LEU B 228 33.37 1.46 7.19
N ARG B 229 33.80 2.69 6.98
CA ARG B 229 32.87 3.82 6.92
C ARG B 229 33.31 4.80 5.84
N ALA B 230 32.33 5.36 5.13
CA ALA B 230 32.60 6.20 3.99
C ALA B 230 33.28 7.50 4.40
N ALA B 231 34.12 8.02 3.51
CA ALA B 231 34.79 9.29 3.76
C ALA B 231 33.88 10.49 3.53
N GLU B 232 32.90 10.38 2.60
CA GLU B 232 32.07 11.50 2.15
C GLU B 232 30.63 11.31 2.58
N PRO B 233 29.94 12.36 3.02
CA PRO B 233 28.51 12.22 3.28
C PRO B 233 27.75 12.02 1.97
N MSE B 234 26.72 11.19 2.04
CA MSE B 234 25.96 10.85 0.86
C MSE B 234 24.97 11.98 0.53
O MSE B 234 24.67 12.24 -0.64
CB MSE B 234 25.24 9.53 1.09
CG MSE B 234 24.53 8.98 -0.10
SE MSE B 234 23.05 8.02 0.67
CE MSE B 234 21.91 9.53 0.96
N GLY B 235 24.46 12.62 1.57
CA GLY B 235 23.66 13.81 1.43
C GLY B 235 24.34 14.96 2.16
N ASP B 236 23.66 16.09 2.19
CA ASP B 236 24.23 17.26 2.85
C ASP B 236 23.91 17.25 4.34
N TRP B 237 24.80 17.85 5.12
CA TRP B 237 24.78 17.74 6.57
C TRP B 237 24.92 19.15 7.13
N PRO B 238 23.80 19.85 7.35
CA PRO B 238 23.84 21.25 7.80
C PRO B 238 24.71 21.48 9.03
N PRO B 239 24.76 20.56 10.00
CA PRO B 239 25.66 20.80 11.16
C PRO B 239 27.13 20.94 10.78
N GLY B 240 27.55 20.37 9.66
CA GLY B 240 28.92 20.58 9.18
C GLY B 240 30.00 19.80 9.89
N ASP B 241 29.66 18.77 10.66
CA ASP B 241 30.65 17.93 11.30
C ASP B 241 30.62 16.54 10.65
N THR B 242 31.28 15.59 11.31
CA THR B 242 31.20 14.18 10.92
C THR B 242 30.25 13.39 11.81
N GLY B 243 29.24 14.08 12.37
CA GLY B 243 28.22 13.44 13.19
C GLY B 243 27.33 12.49 12.44
N TRP B 244 27.27 12.63 11.11
CA TRP B 244 26.57 11.72 10.21
C TRP B 244 27.19 10.33 10.12
N GLN B 245 28.38 10.12 10.69
CA GLN B 245 29.16 8.93 10.35
C GLN B 245 28.66 7.67 11.05
N SER B 246 28.78 6.55 10.35
CA SER B 246 28.53 5.26 10.97
C SER B 246 29.49 5.03 12.14
N HIS B 247 29.01 4.34 13.16
CA HIS B 247 29.80 4.10 14.35
C HIS B 247 29.67 2.66 14.81
N TRP B 248 30.70 2.17 15.52
CA TRP B 248 30.65 0.82 16.10
C TRP B 248 31.67 0.78 17.24
N ASP B 249 31.21 0.99 18.47
CA ASP B 249 32.10 0.93 19.62
C ASP B 249 32.65 -0.47 19.82
N GLY B 250 33.94 -0.57 20.11
CA GLY B 250 34.52 -1.88 20.31
C GLY B 250 34.89 -2.61 19.03
N ALA B 251 34.87 -1.93 17.90
CA ALA B 251 35.39 -2.55 16.68
C ALA B 251 36.89 -2.81 16.83
N HIS B 252 37.30 -3.98 16.35
CA HIS B 252 38.72 -4.34 16.29
C HIS B 252 39.53 -3.36 15.44
N THR B 253 38.95 -2.89 14.34
CA THR B 253 39.60 -1.99 13.39
C THR B 253 38.49 -1.14 12.81
N THR B 254 38.70 0.17 12.74
CA THR B 254 37.82 1.10 12.04
C THR B 254 38.61 1.70 10.88
N ALA B 255 38.06 1.65 9.67
CA ALA B 255 38.82 2.13 8.54
C ALA B 255 37.96 2.94 7.59
N GLY B 256 38.48 4.09 7.17
CA GLY B 256 37.81 4.94 6.22
C GLY B 256 38.03 4.45 4.79
N ILE B 257 36.97 4.56 4.00
CA ILE B 257 36.96 4.16 2.59
C ILE B 257 36.56 5.39 1.79
N PRO B 258 37.27 5.74 0.72
CA PRO B 258 36.86 6.90 -0.08
C PRO B 258 35.47 6.66 -0.66
N GLY B 259 34.82 7.74 -1.04
CA GLY B 259 33.47 7.65 -1.57
C GLY B 259 32.43 7.86 -0.49
N ASN B 260 31.16 7.71 -0.88
CA ASN B 260 30.08 7.94 0.06
C ASN B 260 29.41 6.60 0.40
N HIS B 261 28.24 6.68 1.05
CA HIS B 261 27.56 5.49 1.53
C HIS B 261 27.42 4.42 0.44
N PHE B 262 27.28 4.84 -0.82
CA PHE B 262 27.19 3.88 -1.93
C PHE B 262 28.49 3.74 -2.71
N THR B 263 29.12 4.85 -3.07
CA THR B 263 30.27 4.77 -3.97
C THR B 263 31.49 4.13 -3.31
N MSE B 264 31.48 3.98 -2.00
CA MSE B 264 32.48 3.17 -1.32
C MSE B 264 32.41 1.71 -1.77
O MSE B 264 33.38 0.99 -1.61
CB MSE B 264 32.28 3.22 0.20
CG MSE B 264 31.12 2.38 0.72
SE MSE B 264 30.79 2.82 2.60
CE MSE B 264 32.25 1.70 3.30
N MSE B 265 31.28 1.26 -2.30
CA MSE B 265 31.20 -0.14 -2.72
C MSE B 265 30.94 -0.30 -4.21
O MSE B 265 30.44 -1.33 -4.65
CB MSE B 265 30.13 -0.90 -1.92
CG MSE B 265 30.66 -1.45 -0.59
SE MSE B 265 32.06 -2.83 -0.79
CE MSE B 265 30.88 -4.30 -1.36
N THR B 266 31.30 0.73 -4.98
CA THR B 266 31.29 0.64 -6.43
C THR B 266 32.59 1.22 -6.99
N GLU B 267 32.65 2.55 -7.06
CA GLU B 267 33.81 3.23 -7.60
C GLU B 267 35.04 3.10 -6.71
N HIS B 268 34.86 2.70 -5.45
CA HIS B 268 35.96 2.60 -4.51
C HIS B 268 36.02 1.24 -3.83
N ALA B 269 35.25 0.27 -4.32
CA ALA B 269 35.32 -1.09 -3.78
C ALA B 269 36.71 -1.69 -3.90
N SER B 270 37.58 -1.13 -4.74
CA SER B 270 38.96 -1.59 -4.79
C SER B 270 39.66 -1.42 -3.45
N ALA B 271 39.48 -0.24 -2.83
CA ALA B 271 40.15 0.05 -1.56
C ALA B 271 39.60 -0.79 -0.41
N ALA B 272 38.29 -1.03 -0.40
CA ALA B 272 37.70 -1.91 0.60
C ALA B 272 38.25 -3.32 0.47
N ALA B 273 38.35 -3.82 -0.76
CA ALA B 273 38.93 -5.13 -0.98
C ALA B 273 40.33 -5.20 -0.37
N ARG B 274 41.15 -4.16 -0.60
CA ARG B 274 42.54 -4.21 -0.14
C ARG B 274 42.61 -4.20 1.38
N LEU B 275 41.81 -3.36 2.01
CA LEU B 275 41.86 -3.29 3.46
C LEU B 275 41.29 -4.55 4.09
N VAL B 276 40.19 -5.10 3.54
CA VAL B 276 39.69 -6.38 4.03
C VAL B 276 40.77 -7.43 3.93
N HIS B 277 41.45 -7.47 2.79
CA HIS B 277 42.52 -8.45 2.57
C HIS B 277 43.61 -8.32 3.63
N GLY B 278 44.03 -7.09 3.93
CA GLY B 278 45.08 -6.90 4.92
C GLY B 278 44.66 -7.21 6.34
N TRP B 279 43.35 -7.37 6.57
CA TRP B 279 42.80 -7.62 7.90
C TRP B 279 42.55 -9.10 8.16
N LEU B 280 42.37 -9.91 7.11
CA LEU B 280 42.05 -11.32 7.29
C LEU B 280 43.27 -12.13 7.71
N ALA B 281 43.00 -13.20 8.47
CA ALA B 281 43.99 -14.13 9.04
C ALA B 281 44.94 -13.47 10.01
#